data_8VDL
#
_entry.id   8VDL
#
_cell.length_a   55.653
_cell.length_b   65.353
_cell.length_c   250.341
_cell.angle_alpha   90.00
_cell.angle_beta   90.00
_cell.angle_gamma   90.00
#
_symmetry.space_group_name_H-M   'P 2 21 21'
#
loop_
_entity.id
_entity.type
_entity.pdbx_description
1 polymer 'HB3VAR03 CIDRa1.4 domain'
2 polymer 'C7 Heavy Chain'
3 polymer 'C7 Light Chain'
4 non-polymer 'ZINC ION'
5 water water
#
loop_
_entity_poly.entity_id
_entity_poly.type
_entity_poly.pdbx_seq_one_letter_code
_entity_poly.pdbx_strand_id
1 'polypeptide(L)'
;KITSFDEFFDFWVRKLLIDTIKWETELTYCINNTDVTDCNKCNKNCVCFDKWVKQKEDEWTNIMKLFTNKHDIPKKYYLN
INDLFDSFFFQVIYKFNEGEAKWNELKENLKKQIASSKANNGTKDSEAAIKVLFNHIKEIATICKDNNTNEGCRTGWSHP
QFEK
;
C
2 'polypeptide(L)'
;EVQLVESGGGLAQPGGSLRLSCAASGFTFRDHGMTWVRQVSGKGLEWLSYITAGSKMSYYSDSVRGRFTISRDNAKNSLY
LQMNGLTDEDSAIYYCVKGGGNCPSDTCYPSGYFGLDVWGQGTTVTVSSASTKGPSVFPLAPSSKSTSGGTAALGCLVKD
YFPEPVTVSWNSGALTSGVHTFPAVLQSSGLYSLSSVVTVPSSSLGTQTYICNVNHKPSNTKVDKKVEPKSCDKTHHHHH
H
;
H
3 'polypeptide(L)'
;QSELTQPPSMSVSPGQTAMITCSMNKYSYISWYQQRPGQSPALVIYQDTRRPSGIPERFSGSNSENTAILTITGTRDLDE
ADYFCQGWDSNVKAVLFGGGTKLTVLGQPKAAPSVTLFPPSSEELQANKATLVCLISDFYPGAVTVAWKADSSPVKAGVE
TTTPSKQSNNKYAASSYLSLTPEQWKSHRSYSCQVTHEGSTVEKTVAPTECS
;
L
#
# COMPACT_ATOMS: atom_id res chain seq x y z
N PHE A 9 25.97 2.38 -33.29
CA PHE A 9 27.09 2.62 -32.37
C PHE A 9 26.79 2.22 -30.93
N ASP A 10 25.56 2.47 -30.49
CA ASP A 10 25.13 1.95 -29.20
C ASP A 10 25.36 0.44 -29.15
N PHE A 11 25.35 -0.22 -30.32
CA PHE A 11 25.51 -1.68 -30.38
C PHE A 11 26.93 -2.12 -30.00
N TRP A 12 27.92 -1.28 -30.25
CA TRP A 12 29.29 -1.73 -30.07
C TRP A 12 29.72 -1.63 -28.62
N VAL A 13 29.29 -0.56 -27.94
CA VAL A 13 29.53 -0.43 -26.50
C VAL A 13 28.92 -1.61 -25.75
N ARG A 14 27.68 -1.98 -26.11
CA ARG A 14 27.04 -3.15 -25.52
C ARG A 14 27.93 -4.38 -25.63
N LYS A 15 28.40 -4.67 -26.86
CA LYS A 15 29.21 -5.86 -27.09
C LYS A 15 30.58 -5.72 -26.46
N LEU A 16 31.12 -4.49 -26.43
CA LEU A 16 32.31 -4.24 -25.64
C LEU A 16 32.08 -4.57 -24.16
N LEU A 17 30.92 -4.18 -23.61
CA LEU A 17 30.63 -4.41 -22.19
C LEU A 17 30.37 -5.89 -21.90
N ILE A 18 29.56 -6.56 -22.74
CA ILE A 18 29.33 -7.99 -22.56
C ILE A 18 30.66 -8.73 -22.46
N ASP A 19 31.54 -8.50 -23.44
CA ASP A 19 32.75 -9.30 -23.59
C ASP A 19 33.79 -8.93 -22.54
N THR A 20 33.88 -7.64 -22.18
CA THR A 20 34.70 -7.21 -21.04
C THR A 20 34.39 -8.00 -19.77
N ILE A 21 33.17 -8.53 -19.64
CA ILE A 21 32.80 -9.32 -18.47
C ILE A 21 33.13 -10.80 -18.68
N LYS A 22 32.81 -11.33 -19.87
CA LYS A 22 33.03 -12.74 -20.16
C LYS A 22 34.48 -13.13 -19.92
N TRP A 23 35.43 -12.35 -20.45
CA TRP A 23 36.81 -12.43 -19.98
C TRP A 23 36.85 -11.85 -18.57
N GLU A 24 37.37 -12.64 -17.61
CA GLU A 24 37.23 -12.41 -16.14
C GLU A 24 35.85 -12.77 -15.64
N CYS A 48 44.73 -15.38 -27.09
CA CYS A 48 43.35 -15.52 -27.54
C CYS A 48 42.45 -14.47 -26.90
N PHE A 49 42.98 -13.78 -25.91
CA PHE A 49 42.39 -12.56 -25.39
C PHE A 49 43.17 -11.33 -25.81
N ASP A 50 44.49 -11.45 -25.82
CA ASP A 50 45.37 -10.38 -26.30
C ASP A 50 45.01 -9.97 -27.72
N LYS A 51 44.38 -10.88 -28.46
CA LYS A 51 43.88 -10.48 -29.81
C LYS A 51 42.66 -9.58 -29.65
N TRP A 52 41.79 -9.87 -28.67
CA TRP A 52 40.52 -9.11 -28.52
C TRP A 52 40.79 -7.64 -28.21
N VAL A 53 41.75 -7.38 -27.32
CA VAL A 53 42.02 -5.99 -26.91
C VAL A 53 42.42 -5.19 -28.15
N LYS A 54 43.38 -5.72 -28.91
CA LYS A 54 43.89 -5.02 -30.11
C LYS A 54 42.73 -4.73 -31.08
N GLN A 55 41.91 -5.73 -31.35
CA GLN A 55 40.81 -5.54 -32.33
C GLN A 55 39.94 -4.36 -31.91
N LYS A 56 39.48 -4.36 -30.65
CA LYS A 56 38.56 -3.28 -30.20
C LYS A 56 39.35 -1.98 -30.08
N GLU A 57 40.57 -2.07 -29.55
CA GLU A 57 41.44 -0.88 -29.45
C GLU A 57 41.47 -0.21 -30.82
N ASP A 58 41.61 -1.01 -31.87
CA ASP A 58 41.61 -0.47 -33.25
C ASP A 58 40.18 -0.06 -33.63
N GLU A 59 39.23 -0.97 -33.48
CA GLU A 59 37.84 -0.65 -33.92
C GLU A 59 37.49 0.72 -33.37
N TRP A 60 37.93 1.03 -32.16
CA TRP A 60 37.63 2.34 -31.54
C TRP A 60 37.95 3.45 -32.54
N THR A 61 39.20 3.52 -32.96
CA THR A 61 39.61 4.53 -33.96
C THR A 61 38.95 4.22 -35.30
N ASN A 82 26.82 6.38 -14.00
CA ASN A 82 25.69 7.27 -14.26
C ASN A 82 24.80 6.75 -15.36
N ASP A 83 23.84 7.59 -15.75
CA ASP A 83 22.81 7.26 -16.73
C ASP A 83 23.37 6.55 -17.97
N LEU A 84 24.58 6.93 -18.37
CA LEU A 84 25.25 6.26 -19.48
C LEU A 84 25.13 4.75 -19.36
N PHE A 85 25.68 4.21 -18.29
CA PHE A 85 25.77 2.76 -18.11
C PHE A 85 24.42 2.16 -17.76
N ASP A 86 23.57 2.91 -17.05
CA ASP A 86 22.21 2.45 -16.73
C ASP A 86 21.52 1.87 -17.96
N SER A 87 21.64 2.57 -19.11
CA SER A 87 20.88 2.22 -20.31
C SER A 87 21.21 0.83 -20.84
N PHE A 88 22.39 0.31 -20.54
CA PHE A 88 22.79 -1.01 -21.02
C PHE A 88 22.60 -2.12 -20.00
N PHE A 89 22.07 -1.82 -18.80
CA PHE A 89 22.12 -2.79 -17.70
C PHE A 89 21.46 -4.12 -18.08
N PHE A 90 20.24 -4.06 -18.62
CA PHE A 90 19.50 -5.29 -18.89
C PHE A 90 20.09 -6.07 -20.04
N GLN A 91 20.51 -5.38 -21.10
CA GLN A 91 21.04 -6.08 -22.26
C GLN A 91 22.37 -6.77 -21.95
N VAL A 92 23.27 -6.07 -21.25
CA VAL A 92 24.57 -6.65 -20.95
C VAL A 92 24.43 -7.94 -20.15
N ILE A 93 23.54 -7.97 -19.15
CA ILE A 93 23.53 -9.07 -18.19
C ILE A 93 22.41 -10.07 -18.46
N TYR A 94 21.71 -9.97 -19.59
CA TYR A 94 20.58 -10.87 -19.82
C TYR A 94 20.97 -12.33 -19.60
N LYS A 95 20.10 -13.07 -18.91
CA LYS A 95 20.27 -14.47 -18.50
C LYS A 95 21.63 -14.79 -17.87
N PHE A 96 22.53 -13.81 -17.82
CA PHE A 96 23.86 -14.00 -17.26
C PHE A 96 23.77 -14.48 -15.81
N ASN A 97 24.42 -15.60 -15.53
CA ASN A 97 24.48 -16.09 -14.16
C ASN A 97 25.25 -15.10 -13.31
N GLU A 98 24.67 -14.72 -12.16
CA GLU A 98 25.31 -13.78 -11.23
C GLU A 98 25.61 -12.45 -11.89
N GLY A 99 24.74 -12.02 -12.81
CA GLY A 99 25.00 -10.81 -13.56
C GLY A 99 25.13 -9.59 -12.68
N GLU A 100 24.25 -9.48 -11.68
CA GLU A 100 24.17 -8.25 -10.91
C GLU A 100 25.46 -7.99 -10.13
N ALA A 101 26.05 -9.04 -9.54
CA ALA A 101 27.35 -8.86 -8.87
C ALA A 101 28.43 -8.48 -9.87
N LYS A 102 28.43 -9.10 -11.05
CA LYS A 102 29.39 -8.73 -12.09
C LYS A 102 29.25 -7.27 -12.46
N TRP A 103 28.03 -6.85 -12.82
CA TRP A 103 27.80 -5.45 -13.14
C TRP A 103 28.22 -4.54 -11.99
N ASN A 104 28.20 -5.06 -10.77
CA ASN A 104 28.59 -4.27 -9.62
C ASN A 104 30.11 -4.06 -9.57
N GLU A 105 30.87 -5.14 -9.79
CA GLU A 105 32.33 -5.00 -9.93
C GLU A 105 32.67 -3.99 -10.99
N LEU A 106 31.98 -4.09 -12.13
CA LEU A 106 32.25 -3.19 -13.25
C LEU A 106 32.05 -1.73 -12.85
N LYS A 107 30.94 -1.42 -12.17
CA LYS A 107 30.70 -0.04 -11.78
C LYS A 107 31.59 0.39 -10.63
N GLU A 108 32.08 -0.55 -9.81
CA GLU A 108 33.07 -0.21 -8.79
C GLU A 108 34.34 0.35 -9.43
N ASN A 109 34.84 -0.32 -10.48
CA ASN A 109 36.06 0.15 -11.14
C ASN A 109 35.83 1.43 -11.92
N LEU A 110 34.67 1.56 -12.55
CA LEU A 110 34.30 2.83 -13.17
C LEU A 110 34.21 3.96 -12.15
N LYS A 111 33.93 3.63 -10.88
CA LYS A 111 33.94 4.64 -9.82
C LYS A 111 35.35 5.15 -9.55
N LYS A 112 36.30 4.22 -9.35
CA LYS A 112 37.63 4.59 -8.88
C LYS A 112 38.38 5.43 -9.91
N GLN A 113 38.43 4.99 -11.16
CA GLN A 113 38.96 5.82 -12.23
C GLN A 113 37.98 6.96 -12.44
N ILE A 114 38.02 7.93 -11.53
CA ILE A 114 37.07 9.04 -11.44
C ILE A 114 36.73 9.65 -12.80
N LYS A 131 35.23 5.12 -23.15
CA LYS A 131 36.57 5.70 -23.16
C LYS A 131 37.26 5.40 -21.83
N VAL A 132 36.50 5.45 -20.75
CA VAL A 132 37.01 5.05 -19.45
C VAL A 132 36.79 3.55 -19.24
N LEU A 133 35.91 2.93 -20.02
CA LEU A 133 35.81 1.48 -20.06
C LEU A 133 37.06 0.83 -20.65
N PHE A 134 37.84 1.56 -21.44
CA PHE A 134 39.05 0.96 -22.00
C PHE A 134 40.12 0.75 -20.94
N ASN A 135 40.24 1.69 -19.98
CA ASN A 135 41.28 1.58 -18.97
C ASN A 135 41.05 0.39 -18.04
N HIS A 136 39.79 0.05 -17.76
CA HIS A 136 39.50 -1.18 -17.03
C HIS A 136 40.02 -2.40 -17.78
N ILE A 137 40.00 -2.36 -19.13
CA ILE A 137 40.50 -3.49 -19.91
C ILE A 137 42.02 -3.63 -19.78
N LYS A 138 42.73 -2.51 -19.65
CA LYS A 138 44.16 -2.60 -19.32
C LYS A 138 44.37 -3.02 -17.87
N GLU A 139 43.46 -2.62 -16.98
CA GLU A 139 43.50 -3.12 -15.60
C GLU A 139 42.99 -4.56 -15.52
N ILE A 140 42.11 -4.98 -16.45
CA ILE A 140 41.75 -6.39 -16.52
C ILE A 140 42.97 -7.22 -16.93
N ALA A 141 43.75 -6.71 -17.88
CA ALA A 141 44.95 -7.37 -18.38
C ALA A 141 46.16 -7.20 -17.47
N THR A 142 46.01 -6.56 -16.30
CA THR A 142 47.08 -6.56 -15.31
C THR A 142 47.37 -7.98 -14.83
N ILE A 143 46.33 -8.81 -14.73
CA ILE A 143 46.48 -10.21 -14.37
C ILE A 143 46.13 -11.10 -15.57
N GLU B 1 0.37 13.06 -12.55
CA GLU B 1 0.74 12.80 -13.94
C GLU B 1 0.58 11.33 -14.31
N VAL B 2 1.51 10.49 -13.88
CA VAL B 2 1.45 9.07 -14.20
C VAL B 2 0.39 8.42 -13.31
N GLN B 3 -0.44 7.57 -13.90
CA GLN B 3 -1.62 7.04 -13.24
C GLN B 3 -1.77 5.56 -13.57
N LEU B 4 -1.90 4.74 -12.54
CA LEU B 4 -2.20 3.33 -12.68
C LEU B 4 -3.50 3.08 -11.94
N VAL B 5 -4.53 2.68 -12.66
CA VAL B 5 -5.86 2.52 -12.09
C VAL B 5 -6.30 1.08 -12.27
N GLU B 6 -6.54 0.39 -11.16
CA GLU B 6 -6.88 -1.01 -11.16
C GLU B 6 -8.39 -1.19 -11.09
N SER B 7 -8.87 -2.28 -11.67
CA SER B 7 -10.27 -2.63 -11.56
C SER B 7 -10.40 -4.13 -11.70
N GLY B 8 -11.62 -4.62 -11.53
CA GLY B 8 -11.88 -6.04 -11.61
C GLY B 8 -11.77 -6.76 -10.30
N GLY B 9 -11.47 -6.05 -9.21
CA GLY B 9 -11.44 -6.67 -7.91
C GLY B 9 -12.83 -7.06 -7.49
N GLY B 10 -12.93 -7.66 -6.32
CA GLY B 10 -14.21 -8.03 -5.77
C GLY B 10 -14.19 -9.41 -5.15
N LEU B 11 -15.33 -10.09 -5.23
CA LEU B 11 -15.54 -11.35 -4.51
C LEU B 11 -15.41 -12.52 -5.48
N ALA B 12 -14.85 -13.61 -5.00
CA ALA B 12 -14.71 -14.83 -5.77
C ALA B 12 -14.92 -16.00 -4.82
N GLN B 13 -15.07 -17.19 -5.41
CA GLN B 13 -15.31 -18.37 -4.61
C GLN B 13 -14.06 -19.23 -4.55
N PRO B 14 -13.84 -19.97 -3.46
CA PRO B 14 -12.69 -20.86 -3.40
C PRO B 14 -12.67 -21.79 -4.60
N GLY B 15 -11.52 -21.89 -5.25
CA GLY B 15 -11.42 -22.57 -6.52
C GLY B 15 -11.82 -21.75 -7.71
N GLY B 16 -12.58 -20.67 -7.52
CA GLY B 16 -13.06 -19.87 -8.63
C GLY B 16 -12.00 -19.05 -9.30
N SER B 17 -12.39 -17.99 -10.02
CA SER B 17 -11.44 -17.29 -10.87
C SER B 17 -11.83 -15.82 -10.98
N LEU B 18 -10.83 -14.99 -11.27
CA LEU B 18 -10.99 -13.55 -11.38
C LEU B 18 -10.01 -13.05 -12.42
N ARG B 19 -10.28 -11.85 -12.95
CA ARG B 19 -9.36 -11.21 -13.87
C ARG B 19 -9.28 -9.72 -13.56
N LEU B 20 -8.10 -9.26 -13.14
CA LEU B 20 -7.92 -7.83 -12.91
C LEU B 20 -7.32 -7.14 -14.12
N SER B 21 -7.64 -5.87 -14.26
CA SER B 21 -7.15 -5.04 -15.33
C SER B 21 -6.56 -3.76 -14.74
N CYS B 22 -5.66 -3.16 -15.49
CA CYS B 22 -5.00 -1.93 -15.10
C CYS B 22 -4.98 -1.01 -16.30
N ALA B 23 -5.54 0.18 -16.15
CA ALA B 23 -5.46 1.23 -17.15
C ALA B 23 -4.29 2.14 -16.81
N ALA B 24 -3.32 2.23 -17.71
CA ALA B 24 -2.15 3.07 -17.48
C ALA B 24 -2.25 4.34 -18.32
N SER B 25 -1.64 5.41 -17.81
CA SER B 25 -1.74 6.74 -18.39
C SER B 25 -0.72 7.64 -17.71
N GLY B 26 -0.05 8.48 -18.51
CA GLY B 26 0.96 9.39 -18.03
C GLY B 26 2.38 9.11 -18.52
N PHE B 27 2.57 8.10 -19.36
CA PHE B 27 3.90 7.67 -19.75
C PHE B 27 3.76 6.64 -20.85
N THR B 28 4.88 6.30 -21.46
CA THR B 28 4.91 5.43 -22.64
C THR B 28 4.76 3.98 -22.21
N PHE B 29 3.52 3.48 -22.24
CA PHE B 29 3.23 2.14 -21.72
C PHE B 29 4.09 1.07 -22.37
N ARG B 30 4.45 1.23 -23.66
CA ARG B 30 5.24 0.22 -24.36
C ARG B 30 6.71 0.23 -23.98
N ASP B 31 7.23 1.38 -23.51
CA ASP B 31 8.66 1.47 -23.24
C ASP B 31 9.10 0.69 -22.00
N HIS B 32 8.16 0.31 -21.12
CA HIS B 32 8.48 -0.09 -19.77
C HIS B 32 7.86 -1.42 -19.40
N GLY B 33 8.52 -2.14 -18.48
CA GLY B 33 7.97 -3.36 -17.93
C GLY B 33 6.89 -3.10 -16.87
N MET B 34 6.16 -4.17 -16.52
CA MET B 34 4.97 -4.06 -15.69
C MET B 34 4.85 -5.29 -14.81
N THR B 35 4.16 -5.12 -13.66
CA THR B 35 4.21 -6.13 -12.61
C THR B 35 3.04 -5.97 -11.62
N TRP B 36 2.66 -7.08 -11.00
CA TRP B 36 1.63 -7.09 -9.97
C TRP B 36 2.28 -7.47 -8.65
N VAL B 37 1.85 -6.78 -7.57
CA VAL B 37 2.28 -7.03 -6.21
C VAL B 37 1.03 -7.06 -5.35
N ARG B 38 0.97 -7.99 -4.39
CA ARG B 38 -0.19 -8.00 -3.51
C ARG B 38 0.21 -7.87 -2.06
N GLN B 39 -0.77 -7.51 -1.25
CA GLN B 39 -0.52 -7.29 0.18
C GLN B 39 -1.76 -7.66 0.96
N VAL B 40 -1.64 -8.70 1.79
CA VAL B 40 -2.68 -8.96 2.79
C VAL B 40 -2.68 -7.82 3.79
N SER B 41 -3.87 -7.45 4.28
CA SER B 41 -3.97 -6.34 5.22
C SER B 41 -3.12 -6.59 6.46
N GLY B 42 -2.32 -5.59 6.84
CA GLY B 42 -1.46 -5.75 7.98
C GLY B 42 -0.33 -6.75 7.82
N LYS B 43 0.07 -7.07 6.58
CA LYS B 43 1.22 -7.95 6.40
C LYS B 43 2.18 -7.42 5.34
N GLY B 44 3.13 -8.24 4.88
CA GLY B 44 4.19 -7.78 4.00
C GLY B 44 3.78 -7.72 2.53
N LEU B 45 4.74 -7.34 1.69
CA LEU B 45 4.53 -7.31 0.25
C LEU B 45 4.96 -8.64 -0.39
N GLU B 46 4.13 -9.14 -1.31
CA GLU B 46 4.41 -10.37 -2.04
C GLU B 46 4.35 -10.06 -3.52
N TRP B 47 5.45 -10.32 -4.21
CA TRP B 47 5.51 -10.13 -5.66
C TRP B 47 4.89 -11.33 -6.35
N LEU B 48 4.11 -11.07 -7.40
CA LEU B 48 3.40 -12.13 -8.13
C LEU B 48 3.99 -12.37 -9.52
N SER B 49 3.96 -11.38 -10.40
CA SER B 49 4.43 -11.59 -11.76
C SER B 49 4.88 -10.28 -12.38
N TYR B 50 5.54 -10.42 -13.52
CA TYR B 50 6.16 -9.35 -14.28
C TYR B 50 6.17 -9.79 -15.74
N ILE B 51 5.86 -8.85 -16.63
CA ILE B 51 5.74 -9.08 -18.06
C ILE B 51 6.65 -8.06 -18.76
N THR B 52 7.46 -8.54 -19.71
CA THR B 52 8.31 -7.64 -20.48
C THR B 52 7.46 -6.71 -21.33
N ALA B 53 8.12 -5.71 -21.90
CA ALA B 53 7.37 -4.68 -22.62
C ALA B 53 6.74 -5.25 -23.90
N GLY B 54 7.43 -6.16 -24.59
CA GLY B 54 6.86 -6.77 -25.76
C GLY B 54 6.24 -8.12 -25.48
N SER B 55 5.91 -8.37 -24.21
CA SER B 55 5.13 -9.52 -23.77
C SER B 55 5.86 -10.84 -23.95
N LYS B 56 7.09 -10.82 -24.46
CA LYS B 56 7.81 -12.04 -24.79
C LYS B 56 8.41 -12.77 -23.58
N MET B 57 8.50 -12.11 -22.42
CA MET B 57 8.97 -12.77 -21.21
C MET B 57 8.03 -12.51 -20.05
N SER B 58 7.97 -13.50 -19.16
CA SER B 58 7.08 -13.47 -18.02
C SER B 58 7.73 -14.22 -16.87
N TYR B 59 7.81 -13.55 -15.72
CA TYR B 59 8.31 -14.14 -14.50
C TYR B 59 7.17 -14.25 -13.49
N TYR B 60 7.24 -15.26 -12.64
CA TYR B 60 6.20 -15.57 -11.67
C TYR B 60 6.82 -16.01 -10.35
N SER B 61 6.06 -15.84 -9.29
CA SER B 61 6.47 -16.39 -7.99
C SER B 61 5.97 -17.83 -7.99
N ASP B 62 6.62 -18.70 -7.23
CA ASP B 62 6.23 -20.13 -7.15
C ASP B 62 4.86 -20.24 -6.49
N SER B 63 4.39 -19.18 -5.87
CA SER B 63 3.10 -19.18 -5.13
C SER B 63 1.94 -19.03 -6.10
N VAL B 64 2.21 -18.55 -7.30
CA VAL B 64 1.12 -18.27 -8.28
C VAL B 64 1.47 -18.93 -9.61
N ARG B 65 2.35 -19.93 -9.61
CA ARG B 65 2.83 -20.55 -10.87
C ARG B 65 1.81 -21.57 -11.37
N GLY B 66 1.38 -21.43 -12.61
CA GLY B 66 0.39 -22.35 -13.18
C GLY B 66 -0.96 -22.15 -12.51
N ARG B 67 -1.30 -20.90 -12.22
CA ARG B 67 -2.58 -20.59 -11.57
C ARG B 67 -2.86 -19.14 -11.97
N PHE B 68 -1.79 -18.37 -12.12
CA PHE B 68 -1.95 -17.00 -12.53
C PHE B 68 -1.23 -16.80 -13.86
N THR B 69 -1.76 -15.90 -14.67
CA THR B 69 -1.17 -15.64 -15.97
C THR B 69 -1.23 -14.13 -16.19
N ILE B 70 -0.08 -13.55 -16.41
CA ILE B 70 0.00 -12.12 -16.70
C ILE B 70 -0.11 -11.91 -18.20
N SER B 71 -0.50 -10.70 -18.59
CA SER B 71 -0.63 -10.35 -19.99
C SER B 71 -0.79 -8.83 -20.08
N ARG B 72 -0.68 -8.32 -21.30
CA ARG B 72 -0.79 -6.89 -21.52
C ARG B 72 -1.24 -6.64 -22.95
N ASP B 73 -1.92 -5.51 -23.14
CA ASP B 73 -2.26 -5.02 -24.48
C ASP B 73 -1.78 -3.59 -24.59
N ASN B 74 -0.85 -3.36 -25.50
CA ASN B 74 -0.24 -2.04 -25.58
C ASN B 74 -1.09 -1.04 -26.34
N ALA B 75 -2.07 -1.52 -27.11
CA ALA B 75 -2.99 -0.61 -27.79
C ALA B 75 -3.80 0.22 -26.79
N LYS B 76 -4.27 -0.42 -25.73
CA LYS B 76 -5.20 0.19 -24.78
C LYS B 76 -4.54 0.61 -23.47
N ASN B 77 -3.20 0.64 -23.41
CA ASN B 77 -2.48 0.99 -22.18
C ASN B 77 -2.92 0.11 -21.01
N SER B 78 -2.89 -1.22 -21.22
CA SER B 78 -3.58 -2.11 -20.31
C SER B 78 -2.71 -3.28 -19.90
N LEU B 79 -2.87 -3.68 -18.63
CA LEU B 79 -2.21 -4.83 -18.03
C LEU B 79 -3.25 -5.72 -17.37
N TYR B 80 -3.04 -7.03 -17.47
CA TYR B 80 -4.04 -7.98 -17.03
C TYR B 80 -3.39 -9.03 -16.14
N LEU B 81 -4.16 -9.50 -15.17
CA LEU B 81 -3.79 -10.67 -14.39
C LEU B 81 -5.00 -11.58 -14.35
N GLN B 82 -4.86 -12.78 -14.91
CA GLN B 82 -5.88 -13.80 -14.82
C GLN B 82 -5.50 -14.69 -13.65
N MET B 83 -6.42 -14.84 -12.70
CA MET B 83 -6.20 -15.69 -11.55
C MET B 83 -7.21 -16.81 -11.53
N ASN B 84 -6.72 -18.03 -11.40
CA ASN B 84 -7.59 -19.19 -11.27
C ASN B 84 -7.19 -19.94 -10.01
N GLY B 85 -8.10 -20.78 -9.53
CA GLY B 85 -7.79 -21.60 -8.38
C GLY B 85 -7.74 -20.83 -7.08
N LEU B 86 -8.49 -19.73 -6.98
CA LEU B 86 -8.36 -18.82 -5.85
C LEU B 86 -8.56 -19.54 -4.53
N THR B 87 -7.68 -19.25 -3.57
CA THR B 87 -7.84 -19.69 -2.19
C THR B 87 -7.98 -18.45 -1.29
N ASP B 88 -8.26 -18.68 -0.01
CA ASP B 88 -8.38 -17.58 0.94
C ASP B 88 -7.04 -16.87 1.19
N GLU B 89 -5.91 -17.58 1.05
CA GLU B 89 -4.59 -16.95 1.04
C GLU B 89 -4.35 -16.04 -0.15
N ASP B 90 -5.34 -15.87 -1.02
CA ASP B 90 -5.25 -15.00 -2.18
C ASP B 90 -6.02 -13.70 -1.95
N SER B 91 -6.73 -13.59 -0.84
CA SER B 91 -7.46 -12.37 -0.52
C SER B 91 -6.49 -11.30 -0.05
N ALA B 92 -6.44 -10.19 -0.77
CA ALA B 92 -5.48 -9.16 -0.46
C ALA B 92 -5.79 -7.93 -1.32
N ILE B 93 -4.99 -6.89 -1.12
CA ILE B 93 -4.95 -5.75 -2.02
C ILE B 93 -3.93 -6.07 -3.10
N TYR B 94 -4.31 -5.86 -4.36
CA TYR B 94 -3.47 -6.20 -5.51
C TYR B 94 -3.05 -4.88 -6.15
N TYR B 95 -1.75 -4.67 -6.28
CA TYR B 95 -1.22 -3.44 -6.84
C TYR B 95 -0.72 -3.67 -8.25
N CYS B 96 -1.03 -2.73 -9.13
CA CYS B 96 -0.42 -2.63 -10.46
C CYS B 96 0.78 -1.67 -10.38
N VAL B 97 1.95 -2.14 -10.79
CA VAL B 97 3.20 -1.42 -10.56
C VAL B 97 4.00 -1.27 -11.84
N LYS B 98 4.56 -0.07 -12.04
CA LYS B 98 5.44 0.19 -13.18
C LYS B 98 6.87 -0.24 -12.85
N GLY B 99 7.44 -1.10 -13.69
CA GLY B 99 8.86 -1.40 -13.57
C GLY B 99 9.69 -0.15 -13.80
N GLY B 100 10.73 0.01 -12.99
CA GLY B 100 11.65 1.10 -13.20
C GLY B 100 12.60 0.83 -14.34
N GLY B 101 13.21 1.89 -14.86
CA GLY B 101 14.17 1.73 -15.94
C GLY B 101 13.50 1.66 -17.32
N ASN B 102 14.16 0.95 -18.23
CA ASN B 102 13.80 0.82 -19.64
C ASN B 102 13.55 -0.66 -19.97
N CYS B 103 13.26 -0.95 -21.24
CA CYS B 103 13.12 -2.35 -21.63
C CYS B 103 13.53 -2.61 -23.08
N PRO B 104 14.82 -2.77 -23.38
CA PRO B 104 15.21 -3.08 -24.76
C PRO B 104 15.17 -4.59 -25.00
N SER B 105 14.53 -4.97 -26.11
CA SER B 105 14.49 -6.34 -26.61
C SER B 105 14.06 -7.31 -25.51
N ASP B 106 13.03 -6.92 -24.73
CA ASP B 106 12.39 -7.85 -23.80
C ASP B 106 13.38 -8.40 -22.77
N THR B 107 14.35 -7.57 -22.36
CA THR B 107 15.39 -8.00 -21.44
C THR B 107 15.19 -7.49 -20.01
N CYS B 108 14.19 -6.65 -19.77
CA CYS B 108 13.99 -6.08 -18.44
C CYS B 108 13.34 -7.09 -17.50
N TYR B 109 13.72 -7.00 -16.21
CA TYR B 109 13.13 -7.74 -15.10
C TYR B 109 13.03 -6.83 -13.88
N PRO B 110 12.26 -7.18 -12.87
CA PRO B 110 12.13 -6.26 -11.71
C PRO B 110 13.35 -6.29 -10.78
N SER B 111 14.38 -5.56 -11.17
CA SER B 111 15.65 -5.62 -10.47
C SER B 111 15.72 -4.56 -9.38
N GLY B 112 16.44 -4.89 -8.30
CA GLY B 112 16.78 -3.83 -7.37
C GLY B 112 17.56 -2.67 -7.99
N TYR B 113 18.09 -2.85 -9.21
CA TYR B 113 18.89 -1.82 -9.86
C TYR B 113 18.05 -0.59 -10.17
N PHE B 114 16.82 -0.79 -10.66
CA PHE B 114 15.88 0.31 -10.86
C PHE B 114 14.71 0.28 -9.89
N GLY B 115 14.37 -0.88 -9.35
CA GLY B 115 13.21 -1.02 -8.50
C GLY B 115 11.91 -0.73 -9.23
N LEU B 116 10.81 -0.75 -8.48
CA LEU B 116 9.46 -0.53 -9.00
C LEU B 116 9.03 0.89 -8.63
N ASP B 117 8.88 1.76 -9.62
CA ASP B 117 8.96 3.18 -9.32
C ASP B 117 7.61 3.88 -9.23
N VAL B 118 6.54 3.27 -9.71
CA VAL B 118 5.21 3.84 -9.52
C VAL B 118 4.24 2.73 -9.16
N TRP B 119 3.50 2.91 -8.06
CA TRP B 119 2.50 1.95 -7.59
C TRP B 119 1.11 2.56 -7.69
N GLY B 120 0.12 1.72 -7.96
CA GLY B 120 -1.25 2.19 -7.97
C GLY B 120 -1.89 2.19 -6.59
N GLN B 121 -3.10 2.73 -6.52
CA GLN B 121 -3.83 2.66 -5.25
C GLN B 121 -4.28 1.23 -4.94
N GLY B 122 -4.33 0.35 -5.91
CA GLY B 122 -4.63 -1.04 -5.65
C GLY B 122 -6.12 -1.34 -5.57
N THR B 123 -6.44 -2.62 -5.66
CA THR B 123 -7.82 -3.09 -5.69
C THR B 123 -7.91 -4.28 -4.76
N THR B 124 -9.05 -4.40 -4.08
CA THR B 124 -9.20 -5.42 -3.07
C THR B 124 -9.89 -6.64 -3.67
N VAL B 125 -9.30 -7.81 -3.46
CA VAL B 125 -9.84 -9.09 -3.89
C VAL B 125 -10.16 -9.89 -2.64
N THR B 126 -11.35 -10.47 -2.60
CA THR B 126 -11.79 -11.29 -1.48
C THR B 126 -12.26 -12.63 -2.02
N VAL B 127 -11.76 -13.71 -1.41
CA VAL B 127 -12.04 -15.07 -1.84
C VAL B 127 -12.82 -15.75 -0.72
N SER B 128 -14.12 -15.93 -0.93
CA SER B 128 -14.97 -16.43 0.14
C SER B 128 -16.10 -17.27 -0.44
N SER B 129 -16.60 -18.17 0.43
CA SER B 129 -17.83 -18.92 0.17
C SER B 129 -19.08 -18.11 0.53
N ALA B 130 -18.92 -16.94 1.12
CA ALA B 130 -20.08 -16.12 1.42
C ALA B 130 -20.52 -15.36 0.18
N SER B 131 -21.72 -14.79 0.26
CA SER B 131 -22.38 -14.12 -0.85
C SER B 131 -22.20 -12.61 -0.74
N THR B 132 -22.14 -11.95 -1.90
CA THR B 132 -22.18 -10.51 -1.90
C THR B 132 -23.41 -10.03 -1.13
N LYS B 133 -23.22 -9.02 -0.29
CA LYS B 133 -24.33 -8.39 0.43
C LYS B 133 -24.15 -6.88 0.37
N GLY B 134 -25.18 -6.19 -0.11
CA GLY B 134 -25.14 -4.76 -0.27
C GLY B 134 -25.59 -4.08 1.00
N PRO B 135 -25.12 -2.87 1.23
CA PRO B 135 -25.34 -2.21 2.52
C PRO B 135 -26.66 -1.49 2.57
N SER B 136 -27.18 -1.34 3.80
CA SER B 136 -28.20 -0.36 4.08
C SER B 136 -27.50 0.93 4.51
N VAL B 137 -27.82 2.04 3.85
CA VAL B 137 -27.28 3.35 4.22
C VAL B 137 -28.32 4.07 5.07
N PHE B 138 -27.94 4.46 6.29
CA PHE B 138 -28.82 5.18 7.20
C PHE B 138 -28.24 6.53 7.59
N PRO B 139 -29.07 7.57 7.70
CA PRO B 139 -28.55 8.89 8.05
C PRO B 139 -28.34 9.02 9.55
N LEU B 140 -27.28 9.74 9.92
CA LEU B 140 -27.00 10.09 11.31
C LEU B 140 -27.22 11.59 11.43
N ALA B 141 -28.21 11.95 12.14
CA ALA B 141 -28.57 13.34 11.97
C ALA B 141 -28.08 14.16 13.15
N PRO B 142 -27.85 15.46 12.94
CA PRO B 142 -27.26 16.28 14.01
C PRO B 142 -28.31 16.82 14.96
N SER B 143 -27.89 17.04 16.21
CA SER B 143 -28.68 17.84 17.14
C SER B 143 -28.97 19.18 16.49
N GLY B 149 -24.51 28.17 17.97
CA GLY B 149 -23.45 29.09 17.60
C GLY B 149 -22.17 28.44 17.07
N GLY B 150 -22.05 27.13 17.27
CA GLY B 150 -20.86 26.40 16.91
C GLY B 150 -21.03 25.47 15.72
N THR B 151 -20.72 24.19 15.92
CA THR B 151 -20.73 23.21 14.83
C THR B 151 -21.59 22.01 15.21
N ALA B 152 -21.86 21.16 14.23
CA ALA B 152 -22.66 19.96 14.42
C ALA B 152 -22.03 18.79 13.67
N ALA B 153 -21.97 17.64 14.33
CA ALA B 153 -21.59 16.39 13.69
C ALA B 153 -22.80 15.72 13.06
N LEU B 154 -22.60 15.13 11.91
CA LEU B 154 -23.62 14.44 11.15
C LEU B 154 -22.93 13.51 10.18
N GLY B 155 -23.60 12.42 9.83
CA GLY B 155 -23.00 11.48 8.91
C GLY B 155 -23.90 10.34 8.51
N CYS B 156 -23.29 9.33 7.92
CA CYS B 156 -23.96 8.19 7.33
C CYS B 156 -23.48 6.93 7.98
N LEU B 157 -24.42 6.04 8.29
CA LEU B 157 -24.13 4.67 8.69
C LEU B 157 -24.32 3.78 7.47
N VAL B 158 -23.26 3.06 7.09
CA VAL B 158 -23.27 2.06 6.03
C VAL B 158 -23.23 0.70 6.71
N LYS B 159 -24.36 -0.01 6.73
CA LYS B 159 -24.53 -1.14 7.64
C LYS B 159 -24.58 -2.46 6.86
N ASP B 160 -23.95 -3.49 7.44
CA ASP B 160 -24.02 -4.89 7.03
C ASP B 160 -23.76 -5.08 5.55
N TYR B 161 -22.50 -5.19 5.14
CA TYR B 161 -22.19 -5.42 3.73
C TYR B 161 -21.02 -6.38 3.63
N PHE B 162 -20.78 -6.84 2.41
CA PHE B 162 -19.76 -7.82 2.08
C PHE B 162 -19.58 -7.84 0.58
N PRO B 163 -18.34 -7.89 0.07
CA PRO B 163 -17.10 -7.75 0.84
C PRO B 163 -16.67 -6.30 0.87
N GLU B 164 -15.46 -6.07 1.36
CA GLU B 164 -14.88 -4.74 1.21
C GLU B 164 -14.53 -4.50 -0.25
N PRO B 165 -14.52 -3.24 -0.70
CA PRO B 165 -14.72 -2.00 0.04
C PRO B 165 -15.95 -1.18 -0.35
N VAL B 166 -16.31 -0.24 0.50
CA VAL B 166 -17.22 0.82 0.10
C VAL B 166 -16.44 2.12 0.14
N THR B 167 -16.87 3.10 -0.64
CA THR B 167 -16.32 4.44 -0.57
C THR B 167 -17.43 5.42 -0.23
N VAL B 168 -17.06 6.47 0.49
CA VAL B 168 -18.01 7.49 0.91
C VAL B 168 -17.46 8.86 0.52
N SER B 169 -18.30 9.69 -0.08
CA SER B 169 -18.01 11.08 -0.35
C SER B 169 -19.20 11.91 0.11
N TRP B 170 -19.04 13.23 0.05
CA TRP B 170 -20.07 14.15 0.55
C TRP B 170 -20.29 15.28 -0.44
N ASN B 171 -21.54 15.46 -0.85
CA ASN B 171 -21.89 16.45 -1.87
C ASN B 171 -21.09 16.21 -3.15
N SER B 172 -21.13 14.95 -3.60
CA SER B 172 -20.45 14.51 -4.82
C SER B 172 -18.97 14.87 -4.83
N GLY B 173 -18.38 15.06 -3.66
CA GLY B 173 -16.98 15.37 -3.54
C GLY B 173 -16.70 16.83 -3.26
N ALA B 174 -17.70 17.70 -3.38
CA ALA B 174 -17.51 19.13 -3.16
C ALA B 174 -17.37 19.51 -1.69
N LEU B 175 -17.64 18.59 -0.77
CA LEU B 175 -17.40 18.82 0.66
C LEU B 175 -16.31 17.86 1.10
N THR B 176 -15.24 18.42 1.67
CA THR B 176 -14.13 17.62 2.17
C THR B 176 -13.63 18.06 3.53
N SER B 177 -13.87 19.31 3.92
CA SER B 177 -13.29 19.81 5.14
C SER B 177 -14.03 19.19 6.33
N GLY B 178 -13.28 18.62 7.26
CA GLY B 178 -13.86 18.10 8.48
C GLY B 178 -14.42 16.69 8.39
N VAL B 179 -14.08 15.94 7.34
CA VAL B 179 -14.69 14.65 7.05
C VAL B 179 -13.83 13.52 7.57
N HIS B 180 -14.39 12.68 8.43
CA HIS B 180 -13.76 11.43 8.87
C HIS B 180 -14.57 10.28 8.33
N THR B 181 -13.96 9.40 7.55
CA THR B 181 -14.56 8.13 7.19
C THR B 181 -13.76 7.02 7.85
N PHE B 182 -14.40 6.26 8.66
CA PHE B 182 -13.74 5.36 9.59
C PHE B 182 -13.46 4.01 8.95
N PRO B 183 -12.42 3.31 9.39
CA PRO B 183 -12.25 1.91 8.98
C PRO B 183 -13.45 1.07 9.40
N ALA B 184 -13.77 0.09 8.57
CA ALA B 184 -14.96 -0.74 8.79
C ALA B 184 -14.76 -1.74 9.92
N VAL B 185 -15.81 -1.95 10.69
CA VAL B 185 -15.80 -3.09 11.60
C VAL B 185 -16.21 -4.35 10.84
N LEU B 186 -15.54 -5.45 11.14
CA LEU B 186 -15.98 -6.77 10.77
C LEU B 186 -16.70 -7.38 11.97
N GLN B 187 -18.02 -7.53 11.86
CA GLN B 187 -18.84 -8.13 12.91
C GLN B 187 -18.73 -9.64 12.86
N SER B 188 -19.13 -10.28 13.96
CA SER B 188 -19.07 -11.73 14.04
C SER B 188 -20.04 -12.43 13.09
N SER B 189 -20.98 -11.69 12.49
CA SER B 189 -21.81 -12.28 11.44
C SER B 189 -21.04 -12.47 10.15
N GLY B 190 -19.89 -11.83 10.00
CA GLY B 190 -19.10 -11.91 8.80
C GLY B 190 -19.33 -10.76 7.83
N LEU B 191 -20.12 -9.77 8.24
CA LEU B 191 -20.40 -8.57 7.45
C LEU B 191 -19.71 -7.35 8.07
N TYR B 192 -19.56 -6.33 7.25
CA TYR B 192 -18.86 -5.09 7.58
C TYR B 192 -19.86 -3.97 7.82
N SER B 193 -19.45 -3.01 8.64
CA SER B 193 -20.14 -1.73 8.77
C SER B 193 -19.09 -0.64 8.91
N LEU B 194 -19.38 0.54 8.37
CA LEU B 194 -18.55 1.70 8.64
C LEU B 194 -19.46 2.88 8.82
N SER B 195 -18.87 4.01 9.19
CA SER B 195 -19.58 5.26 9.33
C SER B 195 -18.73 6.38 8.77
N SER B 196 -19.39 7.45 8.38
CA SER B 196 -18.69 8.63 7.93
C SER B 196 -19.37 9.83 8.55
N VAL B 197 -18.63 10.66 9.27
CA VAL B 197 -19.21 11.83 9.93
C VAL B 197 -18.47 13.07 9.43
N VAL B 198 -19.20 14.18 9.34
CA VAL B 198 -18.62 15.45 8.92
C VAL B 198 -19.09 16.56 9.88
N THR B 199 -18.16 17.39 10.34
CA THR B 199 -18.48 18.48 11.24
C THR B 199 -18.70 19.75 10.44
N VAL B 200 -19.85 20.38 10.65
CA VAL B 200 -20.35 21.46 9.81
C VAL B 200 -20.85 22.58 10.71
N PRO B 201 -20.98 23.81 10.17
CA PRO B 201 -21.48 24.92 11.00
C PRO B 201 -22.99 24.80 11.28
N SER B 202 -23.37 24.99 12.55
CA SER B 202 -24.77 24.85 12.95
C SER B 202 -25.70 25.68 12.07
N SER B 203 -25.30 26.92 11.76
CA SER B 203 -26.12 27.85 10.99
C SER B 203 -26.27 27.47 9.53
N SER B 204 -25.76 26.32 9.11
CA SER B 204 -25.88 25.88 7.73
C SER B 204 -26.95 24.83 7.55
N LEU B 205 -27.53 24.35 8.65
CA LEU B 205 -28.40 23.18 8.58
C LEU B 205 -29.67 23.48 7.80
N GLY B 206 -30.20 24.69 7.95
CA GLY B 206 -31.46 24.99 7.29
C GLY B 206 -31.33 25.31 5.82
N THR B 207 -30.16 25.78 5.38
CA THR B 207 -30.01 26.30 4.04
C THR B 207 -29.02 25.54 3.17
N GLN B 208 -28.12 24.75 3.75
CA GLN B 208 -27.20 23.96 2.96
C GLN B 208 -27.59 22.49 3.02
N THR B 209 -27.52 21.84 1.86
CA THR B 209 -27.81 20.43 1.73
C THR B 209 -26.55 19.61 2.00
N TYR B 210 -26.73 18.44 2.63
CA TYR B 210 -25.63 17.53 2.93
C TYR B 210 -26.01 16.14 2.48
N ILE B 211 -25.41 15.69 1.36
CA ILE B 211 -25.68 14.39 0.76
C ILE B 211 -24.41 13.55 0.88
N CYS B 212 -24.55 12.32 1.34
CA CYS B 212 -23.42 11.40 1.39
C CYS B 212 -23.58 10.37 0.29
N ASN B 213 -22.59 10.27 -0.58
CA ASN B 213 -22.63 9.37 -1.71
C ASN B 213 -21.89 8.10 -1.31
N VAL B 214 -22.64 7.01 -1.21
CA VAL B 214 -22.09 5.71 -0.87
C VAL B 214 -22.00 4.91 -2.16
N ASN B 215 -21.07 3.98 -2.22
CA ASN B 215 -20.81 3.24 -3.46
C ASN B 215 -20.19 1.90 -3.06
N HIS B 216 -20.91 0.82 -3.27
CA HIS B 216 -20.41 -0.52 -2.98
C HIS B 216 -20.30 -1.23 -4.32
N LYS B 217 -19.14 -1.05 -4.96
CA LYS B 217 -18.91 -1.63 -6.28
C LYS B 217 -19.19 -3.12 -6.36
N PRO B 218 -18.79 -3.97 -5.41
CA PRO B 218 -19.05 -5.41 -5.55
C PRO B 218 -20.50 -5.77 -5.77
N SER B 219 -21.44 -5.00 -5.22
CA SER B 219 -22.87 -5.28 -5.37
C SER B 219 -23.54 -4.24 -6.26
N ASN B 220 -22.75 -3.47 -7.00
CA ASN B 220 -23.26 -2.36 -7.81
C ASN B 220 -24.30 -1.56 -7.06
N THR B 221 -24.07 -1.30 -5.78
CA THR B 221 -24.90 -0.38 -5.03
C THR B 221 -24.28 1.00 -5.13
N LYS B 222 -25.10 1.99 -5.48
CA LYS B 222 -24.71 3.39 -5.41
C LYS B 222 -25.89 4.13 -4.80
N VAL B 223 -25.74 4.59 -3.56
CA VAL B 223 -26.78 5.28 -2.82
C VAL B 223 -26.35 6.71 -2.63
N ASP B 224 -27.29 7.63 -2.79
CA ASP B 224 -27.07 9.05 -2.51
C ASP B 224 -28.15 9.45 -1.52
N LYS B 225 -27.77 9.60 -0.25
CA LYS B 225 -28.70 9.73 0.86
C LYS B 225 -28.51 11.09 1.53
N LYS B 226 -29.62 11.79 1.74
CA LYS B 226 -29.61 13.16 2.22
C LYS B 226 -29.80 13.17 3.73
N VAL B 227 -29.03 14.02 4.41
CA VAL B 227 -29.04 14.07 5.87
C VAL B 227 -29.80 15.32 6.30
N GLU B 228 -31.01 15.16 6.71
CA GLU B 228 -31.75 16.32 7.17
C GLU B 228 -31.63 16.48 8.69
N PRO B 229 -31.78 17.71 9.21
CA PRO B 229 -31.67 17.91 10.66
C PRO B 229 -32.86 17.37 11.42
N LYS B 230 -32.87 17.65 12.72
CA LYS B 230 -34.04 17.51 13.60
C LYS B 230 -34.34 16.05 13.96
N SER C 2 17.27 -18.26 0.00
CA SER C 2 17.42 -16.94 -0.65
C SER C 2 16.40 -15.98 -0.01
N GLU C 3 16.76 -15.35 1.10
CA GLU C 3 15.79 -14.52 1.83
C GLU C 3 16.39 -13.18 2.24
N LEU C 4 15.63 -12.10 2.10
CA LEU C 4 16.05 -10.78 2.63
C LEU C 4 15.54 -10.72 4.06
N THR C 5 16.42 -10.51 5.04
CA THR C 5 16.07 -10.52 6.46
C THR C 5 16.17 -9.11 7.05
N GLN C 6 15.04 -8.60 7.55
CA GLN C 6 14.84 -7.32 8.18
C GLN C 6 14.36 -7.46 9.62
N PRO C 7 14.68 -6.50 10.49
CA PRO C 7 14.05 -6.46 11.82
C PRO C 7 12.60 -6.01 11.72
N PRO C 8 11.67 -6.72 12.38
CA PRO C 8 10.24 -6.34 12.32
C PRO C 8 9.95 -4.93 12.77
N SER C 9 10.63 -4.45 13.82
CA SER C 9 10.32 -3.14 14.35
C SER C 9 11.60 -2.45 14.79
N MET C 10 11.59 -1.13 14.73
CA MET C 10 12.71 -0.35 15.20
C MET C 10 12.23 1.03 15.66
N SER C 11 12.78 1.51 16.78
CA SER C 11 12.45 2.82 17.33
C SER C 11 13.65 3.77 17.28
N VAL C 12 13.33 5.06 17.24
CA VAL C 12 14.33 6.10 17.06
C VAL C 12 13.78 7.38 17.68
N SER C 13 14.66 8.16 18.33
CA SER C 13 14.26 9.45 18.85
C SER C 13 14.32 10.51 17.74
N PRO C 14 13.50 11.55 17.84
CA PRO C 14 13.47 12.56 16.76
C PRO C 14 14.84 13.20 16.57
N GLY C 15 15.18 13.46 15.31
CA GLY C 15 16.49 13.94 14.95
C GLY C 15 17.62 12.94 15.07
N GLN C 16 17.42 11.80 15.74
CA GLN C 16 18.43 10.75 15.76
C GLN C 16 18.52 10.05 14.38
N THR C 17 19.58 9.27 14.19
CA THR C 17 19.80 8.56 12.94
C THR C 17 19.27 7.14 13.06
N ALA C 18 18.36 6.78 12.14
CA ALA C 18 17.84 5.44 12.00
C ALA C 18 18.62 4.67 10.94
N MET C 19 18.87 3.39 11.22
CA MET C 19 19.58 2.50 10.30
C MET C 19 18.85 1.15 10.25
N ILE C 20 18.01 0.95 9.23
CA ILE C 20 17.36 -0.33 8.98
C ILE C 20 18.27 -1.23 8.16
N THR C 21 18.52 -2.45 8.66
CA THR C 21 19.37 -3.39 7.95
C THR C 21 18.58 -4.52 7.26
N CYS C 22 19.20 -5.08 6.22
CA CYS C 22 18.59 -6.05 5.32
C CYS C 22 19.69 -7.01 4.90
N SER C 23 19.77 -8.17 5.54
CA SER C 23 20.85 -9.11 5.23
C SER C 23 20.38 -10.19 4.25
N MET C 24 21.34 -10.68 3.45
CA MET C 24 21.04 -11.56 2.32
C MET C 24 22.13 -12.63 2.22
N ASN C 25 21.85 -13.67 1.43
CA ASN C 25 22.84 -14.71 1.25
C ASN C 25 23.81 -14.42 0.10
N LYS C 26 23.31 -14.15 -1.10
CA LYS C 26 24.15 -13.75 -2.21
C LYS C 26 23.78 -12.34 -2.63
N TYR C 27 24.75 -11.61 -3.19
CA TYR C 27 24.53 -10.23 -3.58
C TYR C 27 23.31 -10.08 -4.48
N SER C 28 22.54 -9.02 -4.23
CA SER C 28 21.60 -8.47 -5.20
C SER C 28 21.63 -6.96 -5.07
N TYR C 29 21.30 -6.24 -6.14
CA TYR C 29 21.00 -4.83 -5.94
C TYR C 29 19.70 -4.71 -5.15
N ILE C 30 19.55 -3.59 -4.43
CA ILE C 30 18.50 -3.48 -3.43
C ILE C 30 17.80 -2.14 -3.58
N SER C 31 16.48 -2.19 -3.73
CA SER C 31 15.64 -1.01 -3.66
C SER C 31 14.90 -1.02 -2.32
N TRP C 32 14.45 0.17 -1.90
CA TRP C 32 13.82 0.39 -0.60
C TRP C 32 12.52 1.15 -0.82
N TYR C 33 11.44 0.67 -0.21
CA TYR C 33 10.12 1.28 -0.35
C TYR C 33 9.60 1.68 1.01
N GLN C 34 8.94 2.82 1.06
CA GLN C 34 8.30 3.26 2.32
C GLN C 34 6.77 3.20 2.16
N GLN C 35 6.09 2.62 3.14
CA GLN C 35 4.61 2.62 3.14
C GLN C 35 4.10 3.37 4.35
N ARG C 36 3.44 4.50 4.11
CA ARG C 36 2.82 5.30 5.20
C ARG C 36 1.41 4.78 5.39
N PRO C 37 0.86 4.84 6.62
CA PRO C 37 -0.50 4.37 6.90
C PRO C 37 -1.57 4.61 5.83
N GLY C 38 -2.20 3.53 5.34
CA GLY C 38 -3.29 3.63 4.35
C GLY C 38 -2.85 4.05 2.96
N GLN C 39 -1.65 3.69 2.53
CA GLN C 39 -1.20 4.18 1.25
C GLN C 39 -0.37 3.13 0.53
N SER C 40 -0.18 3.33 -0.77
CA SER C 40 0.65 2.43 -1.54
C SER C 40 2.11 2.62 -1.14
N PRO C 41 2.94 1.61 -1.32
CA PRO C 41 4.38 1.81 -1.21
C PRO C 41 4.86 2.95 -2.09
N ALA C 42 5.99 3.56 -1.75
CA ALA C 42 6.64 4.54 -2.60
C ALA C 42 8.12 4.22 -2.63
N LEU C 43 8.73 4.35 -3.81
CA LEU C 43 10.13 3.99 -3.97
C LEU C 43 11.04 5.08 -3.41
N VAL C 44 11.97 4.71 -2.54
CA VAL C 44 12.70 5.70 -1.76
C VAL C 44 14.21 5.62 -2.04
N ILE C 45 14.71 4.42 -2.32
CA ILE C 45 16.11 4.20 -2.69
C ILE C 45 16.15 3.10 -3.72
N TYR C 46 16.91 3.29 -4.80
CA TYR C 46 17.14 2.22 -5.77
C TYR C 46 18.63 2.14 -6.10
N GLN C 47 19.01 1.05 -6.75
CA GLN C 47 20.41 0.85 -7.16
C GLN C 47 21.32 0.92 -5.96
N ASP C 48 20.89 0.31 -4.86
CA ASP C 48 21.63 0.28 -3.62
C ASP C 48 21.75 1.66 -2.95
N THR C 49 22.06 2.70 -3.71
CA THR C 49 22.44 3.95 -3.06
C THR C 49 21.79 5.21 -3.60
N ARG C 50 20.88 5.12 -4.55
CA ARG C 50 20.40 6.29 -5.26
C ARG C 50 18.96 6.59 -4.89
N ARG C 51 18.62 7.88 -4.84
CA ARG C 51 17.27 8.22 -4.48
C ARG C 51 16.55 8.95 -5.62
N PRO C 52 15.32 8.56 -5.94
CA PRO C 52 14.58 9.26 -7.00
C PRO C 52 14.39 10.72 -6.64
N SER C 53 14.21 11.55 -7.67
CA SER C 53 13.87 12.95 -7.46
C SER C 53 12.62 13.07 -6.61
N GLY C 54 12.69 13.89 -5.57
CA GLY C 54 11.60 14.11 -4.65
C GLY C 54 11.81 13.49 -3.28
N ILE C 55 12.82 12.64 -3.12
CA ILE C 55 13.07 11.97 -1.84
C ILE C 55 14.10 12.79 -1.07
N PRO C 56 13.78 13.26 0.15
CA PRO C 56 14.70 14.16 0.86
C PRO C 56 16.08 13.57 1.06
N GLU C 57 17.09 14.45 1.14
CA GLU C 57 18.47 13.99 1.23
C GLU C 57 18.79 13.32 2.57
N ARG C 58 17.85 13.26 3.52
CA ARG C 58 18.09 12.48 4.73
C ARG C 58 18.17 10.99 4.42
N PHE C 59 17.34 10.53 3.48
CA PHE C 59 17.34 9.12 3.08
C PHE C 59 18.58 8.79 2.25
N SER C 60 19.31 7.76 2.67
CA SER C 60 20.51 7.31 1.99
C SER C 60 20.66 5.81 2.19
N GLY C 61 21.41 5.16 1.31
CA GLY C 61 21.48 3.71 1.28
C GLY C 61 22.88 3.22 1.01
N SER C 62 23.09 1.93 1.31
CA SER C 62 24.39 1.31 1.11
C SER C 62 24.22 -0.20 1.13
N ASN C 63 25.22 -0.90 0.59
CA ASN C 63 25.15 -2.34 0.43
C ASN C 63 26.57 -2.88 0.36
N SER C 64 26.94 -3.69 1.35
CA SER C 64 28.29 -4.25 1.47
C SER C 64 28.21 -5.53 2.29
N GLU C 65 29.09 -6.47 1.98
CA GLU C 65 29.32 -7.63 2.83
C GLU C 65 28.02 -8.36 3.12
N ASN C 66 27.09 -8.31 2.16
CA ASN C 66 25.82 -9.04 2.23
C ASN C 66 24.83 -8.43 3.21
N THR C 67 24.94 -7.12 3.46
CA THR C 67 23.99 -6.37 4.26
C THR C 67 23.76 -5.02 3.61
N ALA C 68 22.50 -4.67 3.36
CA ALA C 68 22.13 -3.34 2.91
C ALA C 68 21.57 -2.55 4.09
N ILE C 69 21.74 -1.23 4.03
CA ILE C 69 21.33 -0.32 5.09
C ILE C 69 20.55 0.81 4.46
N LEU C 70 19.31 0.99 4.90
CA LEU C 70 18.62 2.26 4.75
C LEU C 70 18.96 3.12 5.96
N THR C 71 19.45 4.32 5.70
CA THR C 71 19.86 5.26 6.74
C THR C 71 18.99 6.51 6.60
N ILE C 72 18.29 6.86 7.67
CA ILE C 72 17.60 8.15 7.73
C ILE C 72 18.26 8.97 8.81
N THR C 73 18.79 10.13 8.43
CA THR C 73 19.43 11.03 9.37
C THR C 73 18.51 12.20 9.63
N GLY C 74 18.37 12.55 10.91
CA GLY C 74 17.41 13.57 11.29
C GLY C 74 15.98 13.08 11.19
N THR C 75 15.69 11.91 11.75
CA THR C 75 14.36 11.35 11.59
C THR C 75 13.30 12.29 12.17
N ARG C 76 12.23 12.48 11.42
CA ARG C 76 11.10 13.31 11.80
C ARG C 76 9.90 12.45 12.14
N ASP C 77 8.75 13.11 12.35
CA ASP C 77 7.51 12.40 12.62
C ASP C 77 7.00 11.71 11.38
N LEU C 78 7.12 12.37 10.23
CA LEU C 78 6.59 11.85 8.97
C LEU C 78 7.41 10.70 8.41
N ASP C 79 8.54 10.37 9.01
CA ASP C 79 9.29 9.19 8.63
C ASP C 79 8.72 7.93 9.26
N GLU C 80 7.71 8.05 10.11
CA GLU C 80 7.08 6.89 10.69
C GLU C 80 6.36 6.13 9.57
N ALA C 81 6.79 4.90 9.32
CA ALA C 81 6.26 4.13 8.19
C ALA C 81 6.71 2.68 8.33
N ASP C 82 6.28 1.84 7.39
CA ASP C 82 6.91 0.56 7.11
C ASP C 82 7.92 0.74 5.98
N TYR C 83 9.03 0.00 6.05
CA TYR C 83 10.08 0.09 5.06
C TYR C 83 10.44 -1.32 4.61
N PHE C 84 10.54 -1.52 3.30
CA PHE C 84 10.76 -2.85 2.73
C PHE C 84 11.99 -2.83 1.84
N CYS C 85 12.90 -3.77 2.05
CA CYS C 85 13.94 -3.92 1.06
C CYS C 85 13.48 -4.89 -0.04
N GLN C 86 14.17 -4.85 -1.18
CA GLN C 86 13.73 -5.59 -2.36
C GLN C 86 14.91 -5.93 -3.28
N GLY C 87 15.07 -7.23 -3.53
CA GLY C 87 16.10 -7.73 -4.40
C GLY C 87 15.61 -8.77 -5.39
N TRP C 88 16.55 -9.52 -5.96
CA TRP C 88 16.28 -10.43 -7.06
C TRP C 88 17.05 -11.73 -6.84
N ASP C 89 16.42 -12.84 -7.18
CA ASP C 89 17.05 -14.16 -7.12
C ASP C 89 17.25 -14.65 -8.55
N SER C 90 18.50 -14.61 -9.04
CA SER C 90 18.76 -14.97 -10.43
C SER C 90 18.50 -16.45 -10.71
N ASN C 91 18.68 -17.31 -9.71
CA ASN C 91 18.66 -18.75 -9.91
C ASN C 91 17.27 -19.36 -9.87
N VAL C 92 16.26 -18.64 -9.38
CA VAL C 92 14.87 -19.02 -9.59
C VAL C 92 14.08 -17.95 -10.32
N LYS C 93 14.72 -16.86 -10.72
CA LYS C 93 14.08 -15.73 -11.37
C LYS C 93 12.83 -15.26 -10.61
N ALA C 94 13.02 -14.50 -9.54
CA ALA C 94 11.92 -14.12 -8.64
C ALA C 94 12.34 -12.91 -7.81
N VAL C 95 11.38 -12.01 -7.56
CA VAL C 95 11.62 -10.88 -6.67
C VAL C 95 11.71 -11.34 -5.23
N LEU C 96 12.67 -10.79 -4.50
CA LEU C 96 12.74 -10.91 -3.04
C LEU C 96 12.28 -9.61 -2.39
N PHE C 97 11.38 -9.75 -1.41
CA PHE C 97 10.99 -8.67 -0.51
C PHE C 97 11.40 -9.04 0.91
N GLY C 98 11.85 -8.06 1.68
CA GLY C 98 12.00 -8.26 3.11
C GLY C 98 10.66 -8.18 3.84
N GLY C 99 10.63 -8.75 5.05
CA GLY C 99 9.41 -8.75 5.84
C GLY C 99 8.85 -7.36 6.12
N GLY C 100 9.70 -6.37 6.14
CA GLY C 100 9.22 -5.06 6.52
C GLY C 100 9.68 -4.69 7.91
N THR C 101 9.75 -3.38 8.16
CA THR C 101 10.25 -2.83 9.41
C THR C 101 9.31 -1.70 9.78
N LYS C 102 8.58 -1.84 10.88
CA LYS C 102 7.81 -0.72 11.37
C LYS C 102 8.79 0.21 12.09
N LEU C 103 8.97 1.40 11.55
CA LEU C 103 9.80 2.42 12.19
C LEU C 103 8.92 3.29 13.08
N THR C 104 9.23 3.32 14.35
CA THR C 104 8.53 4.15 15.32
C THR C 104 9.43 5.28 15.79
N VAL C 105 8.89 6.50 15.79
CA VAL C 105 9.58 7.69 16.26
C VAL C 105 9.06 8.07 17.65
N LEU C 106 9.94 8.08 18.65
CA LEU C 106 9.56 8.25 20.04
C LEU C 106 9.22 9.70 20.39
N GLY C 107 8.63 9.84 21.57
CA GLY C 107 8.25 11.14 22.09
C GLY C 107 7.13 11.79 21.33
N GLN C 108 6.15 11.01 20.85
CA GLN C 108 5.13 11.91 20.36
C GLN C 108 4.17 12.25 21.50
N PRO C 109 3.53 13.43 21.45
CA PRO C 109 2.71 13.86 22.59
C PRO C 109 1.36 13.15 22.64
N LYS C 110 0.93 12.80 23.86
CA LYS C 110 -0.45 12.42 24.17
C LYS C 110 -1.45 13.30 23.43
N ALA C 111 -2.43 12.66 22.80
CA ALA C 111 -3.61 13.34 22.24
C ALA C 111 -4.85 12.61 22.74
N ALA C 112 -5.76 13.34 23.42
CA ALA C 112 -6.96 12.69 23.92
C ALA C 112 -7.99 12.54 22.80
N PRO C 113 -8.88 11.56 22.90
CA PRO C 113 -9.78 11.27 21.78
C PRO C 113 -10.94 12.25 21.68
N SER C 114 -11.31 12.55 20.45
CA SER C 114 -12.59 13.17 20.14
C SER C 114 -13.67 12.09 19.94
N VAL C 115 -14.76 12.18 20.71
CA VAL C 115 -15.78 11.13 20.80
C VAL C 115 -17.15 11.68 20.44
N THR C 116 -17.79 11.07 19.46
CA THR C 116 -19.11 11.48 18.98
C THR C 116 -20.04 10.28 19.03
N LEU C 117 -21.24 10.48 19.58
CA LEU C 117 -22.19 9.39 19.78
C LEU C 117 -23.46 9.69 19.02
N PHE C 118 -23.88 8.77 18.20
CA PHE C 118 -25.11 8.95 17.46
C PHE C 118 -26.16 7.96 17.95
N PRO C 119 -27.43 8.37 17.99
CA PRO C 119 -28.51 7.44 18.37
C PRO C 119 -29.02 6.69 17.16
N PRO C 120 -29.94 5.74 17.34
CA PRO C 120 -30.57 5.09 16.18
C PRO C 120 -31.29 6.09 15.29
N SER C 121 -31.13 5.93 13.99
CA SER C 121 -31.93 6.72 13.07
C SER C 121 -33.38 6.24 13.09
N SER C 122 -34.28 7.11 12.65
CA SER C 122 -35.66 6.67 12.53
C SER C 122 -35.84 5.76 11.33
N GLU C 123 -35.11 5.99 10.23
CA GLU C 123 -35.07 5.03 9.13
C GLU C 123 -34.82 3.63 9.65
N GLU C 124 -33.79 3.49 10.49
CA GLU C 124 -33.38 2.16 10.95
C GLU C 124 -34.40 1.59 11.93
N LEU C 125 -35.07 2.46 12.71
CA LEU C 125 -36.10 1.99 13.62
C LEU C 125 -37.37 1.55 12.87
N GLN C 126 -37.69 2.20 11.74
CA GLN C 126 -38.78 1.71 10.88
C GLN C 126 -38.54 0.27 10.44
N ALA C 127 -37.28 -0.11 10.21
CA ALA C 127 -36.92 -1.45 9.81
C ALA C 127 -36.68 -2.39 10.99
N ASN C 128 -37.14 -2.01 12.19
CA ASN C 128 -37.06 -2.85 13.38
C ASN C 128 -35.62 -3.19 13.76
N LYS C 129 -34.72 -2.24 13.56
CA LYS C 129 -33.36 -2.37 14.04
C LYS C 129 -32.94 -1.07 14.73
N ALA C 130 -31.90 -1.18 15.56
CA ALA C 130 -31.34 -0.02 16.25
C ALA C 130 -29.83 -0.21 16.43
N THR C 131 -29.05 0.80 16.03
CA THR C 131 -27.60 0.75 16.21
C THR C 131 -27.13 2.09 16.76
N LEU C 132 -26.34 2.03 17.83
CA LEU C 132 -25.62 3.19 18.33
C LEU C 132 -24.21 3.16 17.75
N VAL C 133 -23.78 4.31 17.23
CA VAL C 133 -22.46 4.45 16.63
C VAL C 133 -21.65 5.39 17.50
N CYS C 134 -20.54 4.88 18.06
CA CYS C 134 -19.55 5.66 18.81
C CYS C 134 -18.28 5.83 17.99
N LEU C 135 -18.04 7.03 17.48
CA LEU C 135 -16.85 7.34 16.69
C LEU C 135 -15.79 8.06 17.54
N ILE C 136 -14.54 7.60 17.42
CA ILE C 136 -13.43 7.99 18.28
C ILE C 136 -12.25 8.35 17.38
N SER C 137 -11.89 9.63 17.33
CA SER C 137 -10.79 10.03 16.45
C SER C 137 -9.71 10.83 17.17
N ASP C 138 -8.54 10.84 16.52
CA ASP C 138 -7.43 11.78 16.77
C ASP C 138 -6.80 11.56 18.14
N PHE C 139 -6.53 10.31 18.50
CA PHE C 139 -5.95 10.02 19.79
C PHE C 139 -4.59 9.33 19.64
N TYR C 140 -3.69 9.65 20.57
CA TYR C 140 -2.37 9.05 20.69
C TYR C 140 -1.97 8.94 22.15
N PRO C 141 -1.40 7.82 22.59
CA PRO C 141 -1.09 6.60 21.83
C PRO C 141 -2.34 5.74 21.52
N GLY C 142 -2.24 4.80 20.58
CA GLY C 142 -3.39 4.06 20.09
C GLY C 142 -3.91 2.89 20.91
N ALA C 143 -4.37 3.14 22.12
CA ALA C 143 -4.99 2.09 22.92
C ALA C 143 -6.14 2.71 23.69
N VAL C 144 -7.35 2.41 23.28
CA VAL C 144 -8.52 2.84 24.03
C VAL C 144 -9.28 1.60 24.48
N THR C 145 -10.01 1.76 25.57
CA THR C 145 -11.04 0.82 26.00
C THR C 145 -12.37 1.52 25.82
N VAL C 146 -13.38 0.77 25.37
CA VAL C 146 -14.73 1.28 25.23
C VAL C 146 -15.65 0.39 26.04
N ALA C 147 -16.49 1.01 26.87
CA ALA C 147 -17.55 0.28 27.54
C ALA C 147 -18.87 0.99 27.28
N TRP C 148 -19.96 0.23 27.27
CA TRP C 148 -21.28 0.76 26.99
C TRP C 148 -22.15 0.62 28.23
N LYS C 149 -23.01 1.61 28.48
CA LYS C 149 -23.87 1.62 29.66
C LYS C 149 -25.32 1.83 29.25
N ALA C 150 -26.18 0.85 29.54
CA ALA C 150 -27.64 1.03 29.48
C ALA C 150 -28.09 1.64 30.80
N ASP C 151 -28.63 2.86 30.74
CA ASP C 151 -28.70 3.72 31.93
C ASP C 151 -27.32 3.76 32.58
N SER C 152 -27.11 2.99 33.66
CA SER C 152 -25.78 2.86 34.23
C SER C 152 -25.34 1.40 34.36
N SER C 153 -26.08 0.49 33.77
CA SER C 153 -25.75 -0.93 33.76
C SER C 153 -24.85 -1.28 32.57
N PRO C 154 -23.75 -2.00 32.81
CA PRO C 154 -22.87 -2.41 31.71
C PRO C 154 -23.61 -3.27 30.70
N VAL C 155 -23.26 -3.11 29.42
CA VAL C 155 -23.80 -3.92 28.33
C VAL C 155 -22.68 -4.79 27.79
N LYS C 156 -22.90 -6.10 27.73
CA LYS C 156 -21.84 -6.98 27.22
C LYS C 156 -22.15 -7.61 25.88
N ALA C 157 -23.41 -7.92 25.60
CA ALA C 157 -23.74 -8.53 24.31
C ALA C 157 -24.08 -7.47 23.28
N GLY C 158 -23.74 -7.76 22.02
CA GLY C 158 -24.06 -6.88 20.92
C GLY C 158 -23.09 -5.75 20.66
N VAL C 159 -21.83 -5.87 21.09
CA VAL C 159 -20.84 -4.81 20.98
C VAL C 159 -19.73 -5.26 20.04
N GLU C 160 -19.50 -4.51 18.97
CA GLU C 160 -18.37 -4.77 18.09
C GLU C 160 -17.51 -3.51 17.99
N THR C 161 -16.23 -3.65 18.34
CA THR C 161 -15.29 -2.55 18.38
C THR C 161 -14.10 -2.88 17.47
N THR C 162 -13.70 -1.92 16.65
CA THR C 162 -12.54 -2.10 15.81
C THR C 162 -11.27 -2.02 16.65
N THR C 163 -10.18 -2.56 16.11
CA THR C 163 -8.89 -2.22 16.69
C THR C 163 -8.46 -0.84 16.19
N PRO C 164 -7.70 -0.09 16.99
CA PRO C 164 -7.30 1.26 16.57
C PRO C 164 -6.49 1.23 15.27
N SER C 165 -6.70 2.25 14.45
CA SER C 165 -6.15 2.31 13.10
C SER C 165 -5.41 3.63 12.90
N LYS C 166 -4.17 3.57 12.38
CA LYS C 166 -3.31 4.74 12.27
C LYS C 166 -3.69 5.59 11.06
N GLN C 167 -3.95 6.86 11.31
CA GLN C 167 -4.33 7.80 10.26
C GLN C 167 -3.08 8.45 9.68
N SER C 168 -3.28 9.44 8.81
CA SER C 168 -2.15 10.08 8.15
C SER C 168 -1.28 10.84 9.14
N ASN C 169 -1.90 11.50 10.12
CA ASN C 169 -1.24 12.37 11.07
C ASN C 169 -0.71 11.60 12.28
N ASN C 170 -0.47 10.30 12.13
CA ASN C 170 0.14 9.47 13.17
C ASN C 170 -0.77 9.21 14.36
N LYS C 171 -1.95 9.86 14.40
CA LYS C 171 -2.92 9.60 15.43
C LYS C 171 -3.83 8.44 15.02
N TYR C 172 -4.76 8.06 15.88
CA TYR C 172 -5.60 6.88 15.67
C TYR C 172 -7.10 7.22 15.63
N ALA C 173 -7.82 6.34 14.97
CA ALA C 173 -9.28 6.37 14.92
C ALA C 173 -9.80 4.99 15.27
N ALA C 174 -10.99 4.95 15.84
CA ALA C 174 -11.68 3.70 16.11
C ALA C 174 -13.18 3.97 16.16
N SER C 175 -13.98 2.89 16.12
CA SER C 175 -15.42 3.03 16.24
C SER C 175 -15.97 1.84 17.00
N SER C 176 -17.03 2.09 17.76
CA SER C 176 -17.74 1.01 18.41
C SER C 176 -19.22 1.08 18.06
N TYR C 177 -19.83 -0.09 17.90
CA TYR C 177 -21.23 -0.21 17.56
C TYR C 177 -21.94 -1.06 18.61
N LEU C 178 -23.05 -0.58 19.13
CA LEU C 178 -23.96 -1.38 19.97
C LEU C 178 -25.21 -1.71 19.17
N SER C 179 -25.48 -3.00 18.99
CA SER C 179 -26.69 -3.44 18.29
C SER C 179 -27.73 -3.83 19.31
N LEU C 180 -28.95 -3.34 19.13
CA LEU C 180 -30.01 -3.73 20.04
C LEU C 180 -31.35 -3.65 19.32
N THR C 181 -32.37 -4.18 19.99
CA THR C 181 -33.71 -4.15 19.42
C THR C 181 -34.32 -2.78 19.64
N PRO C 182 -35.27 -2.36 18.79
CA PRO C 182 -35.94 -1.09 19.07
C PRO C 182 -36.69 -1.10 20.40
N GLU C 183 -36.98 -2.28 20.94
CA GLU C 183 -37.61 -2.36 22.25
C GLU C 183 -36.63 -1.93 23.35
N GLN C 184 -35.42 -2.49 23.34
CA GLN C 184 -34.43 -2.12 24.37
C GLN C 184 -34.10 -0.64 24.29
N TRP C 185 -33.99 -0.10 23.08
CA TRP C 185 -33.71 1.32 22.91
C TRP C 185 -34.78 2.17 23.59
N LYS C 186 -36.05 1.92 23.24
CA LYS C 186 -37.16 2.69 23.78
C LYS C 186 -37.36 2.50 25.27
N SER C 187 -36.91 1.37 25.83
CA SER C 187 -37.22 0.98 27.20
C SER C 187 -36.20 1.46 28.23
N HIS C 188 -35.15 2.18 27.83
CA HIS C 188 -34.17 2.71 28.76
C HIS C 188 -34.16 4.22 28.68
N ARG C 189 -33.65 4.85 29.75
CA ARG C 189 -33.70 6.31 29.80
C ARG C 189 -32.61 6.92 28.95
N SER C 190 -31.42 6.34 28.98
CA SER C 190 -30.31 6.77 28.13
C SER C 190 -29.34 5.61 27.96
N TYR C 191 -28.51 5.73 26.91
CA TYR C 191 -27.38 4.85 26.68
C TYR C 191 -26.11 5.69 26.61
N SER C 192 -24.97 5.10 27.03
CA SER C 192 -23.70 5.84 27.11
C SER C 192 -22.53 5.08 26.51
N CYS C 193 -21.74 5.80 25.72
CA CYS C 193 -20.41 5.36 25.31
C CYS C 193 -19.35 5.93 26.27
N GLN C 194 -18.54 5.08 26.88
CA GLN C 194 -17.46 5.48 27.79
C GLN C 194 -16.11 5.05 27.22
N VAL C 195 -15.30 6.02 26.77
CA VAL C 195 -14.01 5.75 26.15
C VAL C 195 -12.90 6.07 27.15
N THR C 196 -12.06 5.09 27.44
CA THR C 196 -10.93 5.28 28.35
C THR C 196 -9.62 5.32 27.56
N HIS C 197 -8.88 6.41 27.75
CA HIS C 197 -7.64 6.65 27.03
C HIS C 197 -6.65 7.20 28.02
N GLU C 198 -5.60 6.45 28.29
CA GLU C 198 -4.51 6.92 29.15
C GLU C 198 -5.04 7.33 30.51
N GLY C 199 -5.95 6.51 31.06
CA GLY C 199 -6.47 6.68 32.40
C GLY C 199 -7.74 7.50 32.50
N SER C 200 -7.95 8.46 31.61
CA SER C 200 -9.13 9.32 31.62
C SER C 200 -10.27 8.67 30.83
N THR C 201 -11.51 8.95 31.25
CA THR C 201 -12.71 8.46 30.58
C THR C 201 -13.56 9.60 30.03
N VAL C 202 -13.83 9.59 28.74
CA VAL C 202 -14.81 10.48 28.14
C VAL C 202 -16.10 9.69 27.96
N GLU C 203 -17.20 10.19 28.53
CA GLU C 203 -18.53 9.62 28.39
C GLU C 203 -19.35 10.50 27.44
N LYS C 204 -20.10 9.86 26.55
CA LYS C 204 -21.11 10.53 25.73
C LYS C 204 -22.42 9.78 25.91
N THR C 205 -23.55 10.48 25.73
CA THR C 205 -24.84 9.91 26.12
C THR C 205 -25.94 10.28 25.14
N VAL C 206 -26.82 9.33 24.82
CA VAL C 206 -28.01 9.62 24.02
C VAL C 206 -29.22 8.96 24.66
N ALA C 207 -30.39 9.47 24.30
CA ALA C 207 -31.67 9.06 24.90
C ALA C 207 -32.75 9.11 23.84
N PRO C 208 -33.77 8.24 23.94
CA PRO C 208 -34.80 8.16 22.87
C PRO C 208 -35.56 9.44 22.64
N THR C 209 -35.83 10.20 23.71
CA THR C 209 -36.41 11.54 23.63
C THR C 209 -35.63 12.48 22.70
#